data_2FBQ
#
_entry.id   2FBQ
#
_cell.length_a   82.922
_cell.length_b   70.141
_cell.length_c   47.850
_cell.angle_alpha   90.00
_cell.angle_beta   111.23
_cell.angle_gamma   90.00
#
_symmetry.space_group_name_H-M   'C 1 2 1'
#
loop_
_entity.id
_entity.type
_entity.pdbx_description
1 polymer 'probable transcriptional regulator'
2 water water
#
_entity_poly.entity_id   1
_entity_poly.type   'polypeptide(L)'
_entity_poly.pdbx_seq_one_letter_code
;GHMAQSETVERILDAAEQLFAEKGFAETSLRLITSKAGVNLAAVNYHFGSKKALIQAVFSRFLGPFCASLEKELDRRQAK
PEAQHATLEDLLHLLVSQAMAVKPRSGNDLSIFMRLLGLAFSQSQGHLRKYLEEVYGKVFRRYMLLVNEAAPKLPPIELF
WRVHFMLGAAAFSMSGIKALRAMAETDFGVNTSTEQVMHLMVPFFAAGMRAESGIDDPLLAGAQLRPRNKTPAKA
;
_entity_poly.pdbx_strand_id   A
#
# COMPACT_ATOMS: atom_id res chain seq x y z
N ALA A 4 5.28 26.47 -1.91
CA ALA A 4 4.62 27.22 -3.03
C ALA A 4 5.00 26.61 -4.38
N GLN A 5 6.23 26.11 -4.47
CA GLN A 5 6.67 25.31 -5.58
C GLN A 5 6.35 23.90 -5.09
N SER A 6 6.71 23.68 -3.83
CA SER A 6 6.33 22.53 -3.06
C SER A 6 4.80 22.51 -3.04
N GLU A 7 4.18 23.65 -2.76
CA GLU A 7 2.72 23.67 -2.60
C GLU A 7 1.96 23.53 -3.90
N THR A 8 2.51 24.03 -5.02
CA THR A 8 1.88 23.76 -6.32
C THR A 8 1.86 22.23 -6.55
N VAL A 9 2.95 21.56 -6.24
CA VAL A 9 3.01 20.10 -6.46
C VAL A 9 2.03 19.44 -5.47
N GLU A 10 2.01 19.93 -4.23
CA GLU A 10 1.09 19.31 -3.23
C GLU A 10 -0.38 19.48 -3.61
N ARG A 11 -0.75 20.65 -4.08
CA ARG A 11 -2.13 20.89 -4.48
C ARG A 11 -2.51 20.04 -5.64
N ILE A 12 -1.58 19.84 -6.59
CA ILE A 12 -1.88 18.95 -7.71
C ILE A 12 -2.06 17.49 -7.23
N LEU A 13 -1.14 17.03 -6.40
CA LEU A 13 -1.15 15.63 -5.96
C LEU A 13 -2.37 15.41 -5.05
N ASP A 14 -2.75 16.42 -4.27
CA ASP A 14 -3.97 16.24 -3.41
C ASP A 14 -5.21 16.12 -4.27
N ALA A 15 -5.28 16.95 -5.31
CA ALA A 15 -6.44 16.89 -6.21
C ALA A 15 -6.48 15.57 -6.94
N ALA A 16 -5.33 15.17 -7.49
CA ALA A 16 -5.28 13.95 -8.27
C ALA A 16 -5.62 12.78 -7.36
N GLU A 17 -5.04 12.74 -6.18
CA GLU A 17 -5.22 11.52 -5.33
C GLU A 17 -6.70 11.43 -4.97
N GLN A 18 -7.34 12.52 -4.63
CA GLN A 18 -8.79 12.46 -4.29
C GLN A 18 -9.63 12.07 -5.48
N LEU A 19 -9.42 12.73 -6.63
CA LEU A 19 -10.19 12.38 -7.82
C LEU A 19 -9.97 10.96 -8.27
N PHE A 20 -8.68 10.50 -8.31
CA PHE A 20 -8.44 9.14 -8.77
C PHE A 20 -9.19 8.18 -7.82
N ALA A 21 -9.11 8.45 -6.52
CA ALA A 21 -9.75 7.54 -5.47
C ALA A 21 -11.28 7.47 -5.59
N GLU A 22 -11.88 8.58 -5.99
CA GLU A 22 -13.32 8.74 -6.21
C GLU A 22 -13.84 8.24 -7.54
N LYS A 23 -13.11 8.49 -8.65
CA LYS A 23 -13.64 8.25 -9.99
C LYS A 23 -12.89 7.17 -10.76
N GLY A 24 -11.70 6.85 -10.25
CA GLY A 24 -10.75 5.91 -10.92
C GLY A 24 -9.86 6.69 -11.90
N PHE A 25 -8.88 6.02 -12.49
CA PHE A 25 -7.90 6.74 -13.36
C PHE A 25 -8.46 7.15 -14.71
N ALA A 26 -9.17 6.21 -15.35
CA ALA A 26 -9.63 6.44 -16.69
C ALA A 26 -10.55 7.66 -16.77
N GLU A 27 -11.41 7.82 -15.78
CA GLU A 27 -12.43 8.87 -15.85
C GLU A 27 -11.98 10.21 -15.27
N THR A 28 -10.75 10.28 -14.78
CA THR A 28 -10.24 11.52 -14.23
C THR A 28 -9.32 12.22 -15.23
N SER A 29 -9.68 13.41 -15.70
CA SER A 29 -8.80 14.08 -16.66
C SER A 29 -7.82 15.00 -16.01
N LEU A 30 -6.75 15.30 -16.73
CA LEU A 30 -5.83 16.31 -16.24
C LEU A 30 -6.51 17.70 -16.13
N ARG A 31 -7.45 18.00 -16.99
CA ARG A 31 -8.07 19.34 -16.82
C ARG A 31 -8.95 19.38 -15.56
N LEU A 32 -9.61 18.27 -15.23
CA LEU A 32 -10.37 18.21 -13.98
C LEU A 32 -9.47 18.32 -12.77
N ILE A 33 -8.34 17.61 -12.78
CA ILE A 33 -7.35 17.75 -11.72
C ILE A 33 -6.87 19.21 -11.59
N THR A 34 -6.53 19.82 -12.73
CA THR A 34 -6.11 21.22 -12.75
C THR A 34 -7.13 22.14 -12.12
N SER A 35 -8.39 22.03 -12.52
CA SER A 35 -9.37 22.95 -11.96
C SER A 35 -9.58 22.68 -10.48
N LYS A 36 -9.71 21.39 -10.08
CA LYS A 36 -9.78 21.05 -8.66
C LYS A 36 -8.58 21.52 -7.84
N ALA A 37 -7.36 21.48 -8.39
CA ALA A 37 -6.17 21.90 -7.68
C ALA A 37 -6.03 23.43 -7.63
N GLY A 38 -6.78 24.13 -8.49
CA GLY A 38 -6.70 25.59 -8.60
C GLY A 38 -5.40 26.13 -9.17
N VAL A 39 -4.80 25.36 -10.10
CA VAL A 39 -3.53 25.73 -10.71
C VAL A 39 -3.75 25.79 -12.21
N ASN A 40 -2.75 26.22 -12.98
CA ASN A 40 -2.92 26.03 -14.41
C ASN A 40 -2.35 24.78 -14.98
N LEU A 41 -2.88 24.40 -16.14
CA LEU A 41 -2.49 23.17 -16.82
C LEU A 41 -0.98 23.07 -17.03
N ALA A 42 -0.34 24.23 -17.34
CA ALA A 42 1.09 24.31 -17.48
C ALA A 42 1.81 23.82 -16.21
N ALA A 43 1.21 24.00 -15.00
CA ALA A 43 1.90 23.56 -13.80
C ALA A 43 1.92 22.01 -13.79
N VAL A 44 0.82 21.42 -14.20
CA VAL A 44 0.72 19.96 -14.31
C VAL A 44 1.72 19.45 -15.35
N ASN A 45 1.74 20.13 -16.49
N ASN A 45 1.75 20.11 -16.50
CA ASN A 45 2.73 19.82 -17.56
CA ASN A 45 2.76 19.76 -17.53
C ASN A 45 4.16 19.88 -17.07
C ASN A 45 4.20 19.89 -17.09
N TYR A 46 4.51 20.95 -16.34
CA TYR A 46 5.87 21.16 -15.85
C TYR A 46 6.31 20.10 -14.86
N HIS A 47 5.45 19.81 -13.89
CA HIS A 47 5.85 19.02 -12.77
C HIS A 47 5.72 17.51 -13.05
N PHE A 48 4.76 17.16 -13.90
CA PHE A 48 4.43 15.74 -14.20
C PHE A 48 4.58 15.39 -15.66
N GLY A 49 3.87 16.13 -16.50
CA GLY A 49 3.97 15.97 -17.96
C GLY A 49 3.06 14.95 -18.60
N SER A 50 2.41 14.05 -17.80
CA SER A 50 1.48 13.07 -18.36
C SER A 50 0.65 12.51 -17.18
N LYS A 51 -0.48 11.93 -17.55
CA LYS A 51 -1.36 11.33 -16.52
C LYS A 51 -0.61 10.20 -15.86
N LYS A 52 0.06 9.33 -16.64
CA LYS A 52 0.81 8.22 -16.02
C LYS A 52 1.82 8.72 -15.05
N ALA A 53 2.56 9.81 -15.35
CA ALA A 53 3.57 10.27 -14.39
C ALA A 53 2.91 10.80 -13.11
N LEU A 54 1.75 11.43 -13.26
CA LEU A 54 0.99 11.95 -12.11
C LEU A 54 0.48 10.78 -11.23
N ILE A 55 -0.04 9.72 -11.89
CA ILE A 55 -0.45 8.48 -11.15
C ILE A 55 0.77 7.94 -10.37
N GLN A 56 1.91 7.80 -11.07
CA GLN A 56 3.11 7.33 -10.42
C GLN A 56 3.51 8.17 -9.22
N ALA A 57 3.46 9.50 -9.38
CA ALA A 57 3.79 10.38 -8.25
C ALA A 57 2.82 10.29 -7.05
N VAL A 58 1.57 10.12 -7.35
CA VAL A 58 0.56 9.94 -6.27
C VAL A 58 0.95 8.70 -5.49
N PHE A 59 1.27 7.59 -6.19
CA PHE A 59 1.74 6.37 -5.44
C PHE A 59 3.00 6.57 -4.62
N SER A 60 3.95 7.29 -5.21
CA SER A 60 5.20 7.49 -4.56
C SER A 60 5.08 8.35 -3.33
N ARG A 61 4.13 9.30 -3.31
CA ARG A 61 3.99 10.10 -2.12
C ARG A 61 3.64 9.19 -0.90
N PHE A 62 2.86 8.12 -1.13
CA PHE A 62 2.65 7.12 -0.08
C PHE A 62 3.83 6.15 0.15
N LEU A 63 4.35 5.56 -0.93
CA LEU A 63 5.36 4.48 -0.81
C LEU A 63 6.79 4.97 -0.49
N GLY A 64 7.12 6.17 -0.95
CA GLY A 64 8.45 6.74 -0.67
C GLY A 64 8.84 6.69 0.79
N PRO A 65 8.14 7.41 1.67
CA PRO A 65 8.46 7.32 3.09
C PRO A 65 8.32 5.96 3.71
N PHE A 66 7.25 5.23 3.36
CA PHE A 66 7.07 3.85 3.81
C PHE A 66 8.29 2.96 3.51
N CYS A 67 8.72 2.95 2.24
CA CYS A 67 9.80 2.02 1.86
C CYS A 67 11.14 2.45 2.47
N ALA A 68 11.39 3.76 2.54
CA ALA A 68 12.60 4.31 3.21
C ALA A 68 12.69 3.82 4.61
N SER A 69 11.57 3.87 5.30
CA SER A 69 11.48 3.50 6.67
C SER A 69 11.51 1.98 6.88
N LEU A 70 10.87 1.25 5.97
CA LEU A 70 10.91 -0.21 6.02
C LEU A 70 12.35 -0.69 5.79
N GLU A 71 13.03 -0.12 4.80
CA GLU A 71 14.40 -0.53 4.52
C GLU A 71 15.34 -0.29 5.73
N LYS A 72 15.17 0.87 6.36
CA LYS A 72 15.98 1.24 7.55
C LYS A 72 15.76 0.30 8.71
N GLU A 73 14.50 -0.10 8.89
CA GLU A 73 14.16 -1.01 9.94
C GLU A 73 14.60 -2.47 9.70
N LEU A 74 14.48 -2.95 8.47
CA LEU A 74 15.07 -4.24 8.13
C LEU A 74 16.60 -4.20 8.39
N ASP A 75 17.25 -3.14 7.91
CA ASP A 75 18.72 -3.02 8.09
C ASP A 75 18.99 -3.07 9.59
N ARG A 76 18.20 -2.33 10.35
CA ARG A 76 18.40 -2.28 11.79
C ARG A 76 18.16 -3.61 12.48
N ARG A 77 17.11 -4.31 12.09
CA ARG A 77 16.84 -5.57 12.73
C ARG A 77 17.87 -6.64 12.35
N GLN A 78 18.37 -6.60 11.12
N GLN A 78 18.31 -6.58 11.10
CA GLN A 78 19.34 -7.61 10.66
CA GLN A 78 19.31 -7.47 10.55
C GLN A 78 20.79 -7.29 11.10
C GLN A 78 20.59 -7.32 11.38
N ALA A 79 21.01 -6.07 11.57
CA ALA A 79 22.30 -5.69 12.20
C ALA A 79 22.42 -6.11 13.66
N LYS A 80 21.31 -6.47 14.29
CA LYS A 80 21.35 -6.92 15.67
C LYS A 80 22.33 -8.08 15.85
N PRO A 81 23.23 -8.02 16.89
CA PRO A 81 24.22 -9.11 17.04
C PRO A 81 23.56 -10.47 17.21
N GLU A 82 22.47 -10.53 17.98
CA GLU A 82 21.82 -11.80 18.27
C GLU A 82 20.61 -12.04 17.36
N ALA A 83 20.65 -11.43 16.17
CA ALA A 83 19.53 -11.46 15.22
C ALA A 83 19.27 -12.87 14.69
N GLN A 84 18.07 -13.37 14.99
CA GLN A 84 17.59 -14.60 14.36
C GLN A 84 16.44 -14.35 13.37
N HIS A 85 16.02 -15.40 12.69
CA HIS A 85 15.15 -15.21 11.54
C HIS A 85 13.76 -14.71 11.94
N ALA A 86 13.25 -13.73 11.21
CA ALA A 86 11.89 -13.23 11.50
C ALA A 86 10.87 -14.31 11.19
N THR A 87 9.85 -14.42 12.04
CA THR A 87 8.70 -15.28 11.87
C THR A 87 7.66 -14.55 10.99
N LEU A 88 6.66 -15.27 10.49
CA LEU A 88 5.62 -14.57 9.65
C LEU A 88 4.95 -13.46 10.43
N GLU A 89 4.68 -13.72 11.69
CA GLU A 89 4.02 -12.70 12.54
C GLU A 89 4.91 -11.47 12.69
N ASP A 90 6.22 -11.67 12.93
CA ASP A 90 7.19 -10.54 12.93
C ASP A 90 7.07 -9.71 11.68
N LEU A 91 7.19 -10.39 10.54
CA LEU A 91 7.24 -9.70 9.26
C LEU A 91 5.93 -8.96 8.98
N LEU A 92 4.82 -9.57 9.35
CA LEU A 92 3.50 -8.92 9.06
C LEU A 92 3.29 -7.77 10.01
N HIS A 93 3.56 -8.01 11.29
CA HIS A 93 3.59 -6.84 12.21
C HIS A 93 4.52 -5.69 11.76
N LEU A 94 5.70 -6.01 11.23
CA LEU A 94 6.60 -5.00 10.70
C LEU A 94 5.90 -4.13 9.67
N LEU A 95 5.16 -4.74 8.73
CA LEU A 95 4.50 -3.90 7.74
C LEU A 95 3.45 -3.00 8.37
N VAL A 96 2.70 -3.56 9.33
CA VAL A 96 1.69 -2.77 10.07
C VAL A 96 2.33 -1.59 10.82
N SER A 97 3.39 -1.87 11.59
CA SER A 97 4.07 -0.80 12.34
C SER A 97 4.58 0.26 11.36
N GLN A 98 5.13 -0.17 10.20
CA GLN A 98 5.60 0.78 9.21
C GLN A 98 4.46 1.63 8.62
N ALA A 99 3.32 1.01 8.33
CA ALA A 99 2.16 1.78 7.85
C ALA A 99 1.69 2.77 8.91
N MET A 100 1.69 2.36 10.18
CA MET A 100 1.25 3.28 11.27
C MET A 100 2.19 4.46 11.44
N ALA A 101 3.45 4.26 11.04
CA ALA A 101 4.47 5.27 11.25
C ALA A 101 4.45 6.36 10.18
N VAL A 102 3.70 6.15 9.10
CA VAL A 102 3.66 7.11 8.00
C VAL A 102 2.88 8.34 8.48
N LYS A 103 3.50 9.51 8.35
CA LYS A 103 2.91 10.77 8.79
C LYS A 103 1.59 11.05 8.05
N PRO A 104 0.49 11.16 8.80
CA PRO A 104 -0.82 11.41 8.22
C PRO A 104 -0.85 12.71 7.38
N ARG A 105 -1.58 12.70 6.26
CA ARG A 105 -1.87 13.92 5.48
C ARG A 105 -3.37 14.17 5.46
N SER A 106 -4.13 13.28 4.81
CA SER A 106 -5.58 13.41 4.75
C SER A 106 -6.25 12.93 6.06
N GLY A 107 -5.53 12.15 6.86
CA GLY A 107 -6.14 11.44 8.01
C GLY A 107 -6.87 10.16 7.57
N ASN A 108 -6.96 9.95 6.24
CA ASN A 108 -7.52 8.72 5.66
C ASN A 108 -6.52 8.04 4.76
N ASP A 109 -5.24 8.24 5.06
CA ASP A 109 -4.16 7.97 4.11
C ASP A 109 -4.10 6.48 3.70
N LEU A 110 -4.17 5.59 4.70
CA LEU A 110 -4.06 4.14 4.38
C LEU A 110 -5.23 3.66 3.52
N SER A 111 -6.43 4.11 3.85
CA SER A 111 -7.63 3.78 3.10
C SER A 111 -7.52 4.29 1.66
N ILE A 112 -7.10 5.56 1.51
CA ILE A 112 -6.98 6.08 0.12
C ILE A 112 -5.88 5.32 -0.65
N PHE A 113 -4.74 5.07 -0.04
CA PHE A 113 -3.67 4.27 -0.73
C PHE A 113 -4.27 2.94 -1.20
N MET A 114 -4.97 2.28 -0.29
CA MET A 114 -5.51 0.97 -0.62
C MET A 114 -6.61 1.03 -1.68
N ARG A 115 -7.44 2.09 -1.68
CA ARG A 115 -8.43 2.32 -2.70
C ARG A 115 -7.73 2.46 -4.07
N LEU A 116 -6.72 3.31 -4.09
CA LEU A 116 -5.95 3.49 -5.34
C LEU A 116 -5.24 2.19 -5.79
N LEU A 117 -4.67 1.44 -4.83
CA LEU A 117 -4.00 0.18 -5.14
C LEU A 117 -5.03 -0.77 -5.86
N GLY A 118 -6.24 -0.86 -5.35
CA GLY A 118 -7.25 -1.76 -5.93
C GLY A 118 -7.59 -1.28 -7.33
N LEU A 119 -7.71 0.04 -7.51
CA LEU A 119 -7.97 0.61 -8.84
C LEU A 119 -6.79 0.35 -9.81
N ALA A 120 -5.59 0.27 -9.28
CA ALA A 120 -4.41 -0.03 -10.14
C ALA A 120 -4.61 -1.43 -10.74
N PHE A 121 -5.14 -2.35 -9.95
CA PHE A 121 -5.43 -3.68 -10.46
C PHE A 121 -6.66 -3.71 -11.36
N SER A 122 -7.80 -3.16 -10.91
CA SER A 122 -9.02 -3.28 -11.71
C SER A 122 -8.93 -2.50 -13.06
N GLN A 123 -8.12 -1.44 -13.09
CA GLN A 123 -7.84 -0.71 -14.34
C GLN A 123 -6.49 -1.08 -14.99
N SER A 124 -5.92 -2.24 -14.61
CA SER A 124 -4.75 -2.82 -15.27
C SER A 124 -3.70 -1.77 -15.59
N GLN A 125 -3.24 -1.09 -14.52
CA GLN A 125 -2.20 -0.04 -14.68
C GLN A 125 -0.80 -0.61 -14.79
N GLY A 126 -0.53 -1.27 -15.91
CA GLY A 126 0.80 -1.87 -16.13
C GLY A 126 1.96 -0.93 -15.94
N HIS A 127 1.77 0.31 -16.39
CA HIS A 127 2.84 1.32 -16.29
C HIS A 127 3.28 1.49 -14.85
N LEU A 128 2.31 1.35 -13.94
CA LEU A 128 2.58 1.60 -12.54
C LEU A 128 3.34 0.44 -11.95
N ARG A 129 3.04 -0.76 -12.45
CA ARG A 129 3.72 -1.95 -11.96
C ARG A 129 5.22 -1.84 -12.34
N LYS A 130 5.45 -1.41 -13.58
CA LYS A 130 6.82 -1.19 -14.07
C LYS A 130 7.56 -0.09 -13.28
N TYR A 131 6.92 1.05 -13.07
CA TYR A 131 7.47 2.13 -12.23
C TYR A 131 7.78 1.69 -10.79
N LEU A 132 6.80 1.05 -10.14
CA LEU A 132 7.00 0.66 -8.74
C LEU A 132 8.12 -0.34 -8.58
N GLU A 133 8.25 -1.24 -9.54
N GLU A 133 8.24 -1.28 -9.50
CA GLU A 133 9.41 -2.13 -9.62
CA GLU A 133 9.33 -2.26 -9.40
C GLU A 133 10.71 -1.36 -9.67
C GLU A 133 10.69 -1.60 -9.61
N GLU A 134 10.78 -0.47 -10.65
N GLU A 134 10.76 -0.65 -10.55
CA GLU A 134 11.97 0.33 -10.90
CA GLU A 134 12.02 0.08 -10.71
C GLU A 134 12.46 1.13 -9.71
C GLU A 134 12.40 0.74 -9.41
N VAL A 135 11.52 1.61 -8.89
CA VAL A 135 11.84 2.47 -7.76
C VAL A 135 11.93 1.72 -6.40
N TYR A 136 10.96 0.83 -6.12
CA TYR A 136 10.84 0.19 -4.79
C TYR A 136 11.08 -1.31 -4.84
N GLY A 137 11.50 -1.80 -6.00
CA GLY A 137 11.52 -3.26 -6.22
C GLY A 137 12.54 -3.93 -5.31
N LYS A 138 13.65 -3.24 -5.06
N LYS A 138 13.66 -3.26 -5.05
CA LYS A 138 14.70 -3.77 -4.21
CA LYS A 138 14.70 -3.88 -4.21
C LYS A 138 14.23 -4.14 -2.79
C LYS A 138 14.29 -4.14 -2.74
N VAL A 139 13.66 -3.16 -2.09
CA VAL A 139 13.21 -3.38 -0.71
C VAL A 139 12.07 -4.40 -0.67
N PHE A 140 11.17 -4.34 -1.65
CA PHE A 140 10.05 -5.30 -1.66
C PHE A 140 10.46 -6.73 -1.96
N ARG A 141 11.36 -6.90 -2.92
CA ARG A 141 11.94 -8.24 -3.19
C ARG A 141 12.62 -8.80 -1.93
N ARG A 142 13.39 -7.97 -1.27
CA ARG A 142 14.03 -8.30 -0.02
C ARG A 142 13.03 -8.75 1.05
N TYR A 143 11.97 -7.95 1.22
CA TYR A 143 10.92 -8.32 2.16
C TYR A 143 10.22 -9.66 1.77
N MET A 144 9.89 -9.81 0.51
N MET A 144 9.89 -9.81 0.50
CA MET A 144 9.17 -11.00 0.05
CA MET A 144 9.17 -11.00 0.04
C MET A 144 9.99 -12.28 0.24
C MET A 144 9.99 -12.29 0.18
N LEU A 145 11.30 -12.19 0.02
CA LEU A 145 12.17 -13.35 0.27
C LEU A 145 12.06 -13.76 1.74
N LEU A 146 12.06 -12.80 2.66
CA LEU A 146 11.91 -13.14 4.07
C LEU A 146 10.60 -13.83 4.35
N VAL A 147 9.54 -13.36 3.70
CA VAL A 147 8.23 -14.00 3.82
C VAL A 147 8.28 -15.40 3.25
N ASN A 148 8.91 -15.57 2.09
CA ASN A 148 9.05 -16.91 1.42
C ASN A 148 9.71 -17.88 2.46
N GLU A 149 10.81 -17.44 3.02
CA GLU A 149 11.60 -18.19 4.01
C GLU A 149 10.87 -18.52 5.33
N ALA A 150 10.01 -17.61 5.75
CA ALA A 150 9.29 -17.77 7.01
C ALA A 150 8.08 -18.70 6.94
N ALA A 151 7.66 -19.04 5.71
CA ALA A 151 6.51 -19.87 5.45
C ALA A 151 6.97 -21.29 5.06
N PRO A 152 6.13 -22.32 5.31
CA PRO A 152 6.47 -23.63 4.75
C PRO A 152 6.61 -23.57 3.24
N LYS A 153 7.34 -24.54 2.67
CA LYS A 153 7.60 -24.60 1.24
C LYS A 153 6.29 -24.78 0.47
N LEU A 154 6.09 -23.91 -0.52
CA LEU A 154 4.85 -23.89 -1.32
C LEU A 154 5.27 -23.86 -2.77
N PRO A 155 4.42 -24.35 -3.66
CA PRO A 155 4.64 -24.04 -5.09
C PRO A 155 4.71 -22.52 -5.24
N PRO A 156 5.72 -22.02 -5.96
CA PRO A 156 5.85 -20.56 -6.13
C PRO A 156 4.55 -19.90 -6.64
N ILE A 157 3.85 -20.57 -7.55
CA ILE A 157 2.61 -19.93 -8.08
C ILE A 157 1.59 -19.79 -6.94
N GLU A 158 1.57 -20.76 -6.02
CA GLU A 158 0.64 -20.70 -4.86
C GLU A 158 1.03 -19.61 -3.88
N LEU A 159 2.33 -19.47 -3.64
CA LEU A 159 2.86 -18.33 -2.88
C LEU A 159 2.40 -16.98 -3.50
N PHE A 160 2.51 -16.85 -4.82
CA PHE A 160 2.03 -15.65 -5.49
C PHE A 160 0.55 -15.41 -5.14
N TRP A 161 -0.29 -16.42 -5.26
CA TRP A 161 -1.74 -16.16 -5.02
C TRP A 161 -1.95 -15.84 -3.54
N ARG A 162 -1.27 -16.54 -2.62
CA ARG A 162 -1.52 -16.30 -1.19
C ARG A 162 -1.10 -14.86 -0.82
N VAL A 163 0.00 -14.39 -1.44
CA VAL A 163 0.44 -13.00 -1.16
C VAL A 163 -0.65 -12.03 -1.61
N HIS A 164 -1.22 -12.30 -2.77
CA HIS A 164 -2.35 -11.46 -3.25
C HIS A 164 -3.63 -11.61 -2.45
N PHE A 165 -3.89 -12.79 -1.87
CA PHE A 165 -5.03 -12.90 -0.95
C PHE A 165 -4.79 -11.97 0.25
N MET A 166 -3.57 -11.97 0.81
CA MET A 166 -3.26 -11.09 1.94
C MET A 166 -3.48 -9.65 1.53
N LEU A 167 -2.89 -9.29 0.41
CA LEU A 167 -2.99 -7.89 -0.08
C LEU A 167 -4.44 -7.48 -0.32
N GLY A 168 -5.22 -8.40 -0.90
CA GLY A 168 -6.65 -8.09 -1.20
C GLY A 168 -7.42 -7.91 0.09
N ALA A 169 -7.23 -8.83 1.05
CA ALA A 169 -7.97 -8.68 2.32
C ALA A 169 -7.67 -7.32 2.90
N ALA A 170 -6.37 -6.97 2.96
CA ALA A 170 -5.91 -5.67 3.55
C ALA A 170 -6.50 -4.47 2.77
N ALA A 171 -6.45 -4.57 1.44
CA ALA A 171 -6.79 -3.45 0.54
C ALA A 171 -8.30 -3.24 0.65
N PHE A 172 -9.06 -4.34 0.63
CA PHE A 172 -10.53 -4.23 0.75
C PHE A 172 -10.93 -3.66 2.05
N SER A 173 -10.33 -4.15 3.16
CA SER A 173 -10.70 -3.73 4.50
C SER A 173 -10.41 -2.25 4.64
N MET A 174 -9.26 -1.82 4.14
CA MET A 174 -8.85 -0.42 4.39
C MET A 174 -9.62 0.48 3.43
N SER A 175 -9.70 0.11 2.16
CA SER A 175 -10.52 0.90 1.20
C SER A 175 -11.94 1.10 1.74
N GLY A 176 -12.50 0.05 2.36
CA GLY A 176 -13.91 0.15 2.81
C GLY A 176 -14.04 0.43 4.26
N ILE A 177 -13.03 1.05 4.88
CA ILE A 177 -12.94 1.01 6.36
C ILE A 177 -14.10 1.84 6.93
N LYS A 178 -14.51 2.91 6.24
CA LYS A 178 -15.62 3.73 6.79
C LYS A 178 -16.90 2.92 6.90
N ALA A 179 -17.27 2.25 5.80
CA ALA A 179 -18.44 1.40 5.80
C ALA A 179 -18.32 0.27 6.84
N LEU A 180 -17.18 -0.39 6.84
CA LEU A 180 -16.99 -1.55 7.77
C LEU A 180 -17.03 -1.10 9.23
N ARG A 181 -16.39 0.01 9.57
N ARG A 181 -16.37 0.00 9.52
CA ARG A 181 -16.47 0.49 10.99
CA ARG A 181 -16.43 0.60 10.87
C ARG A 181 -17.90 0.90 11.37
C ARG A 181 -17.88 0.82 11.30
N ALA A 182 -18.66 1.44 10.40
CA ALA A 182 -20.08 1.77 10.63
C ALA A 182 -20.91 0.52 10.88
N MET A 183 -20.67 -0.48 10.03
CA MET A 183 -21.32 -1.79 10.23
C MET A 183 -21.03 -2.39 11.61
N ALA A 184 -19.78 -2.35 12.02
CA ALA A 184 -19.38 -2.94 13.32
C ALA A 184 -20.00 -2.14 14.45
N GLU A 185 -20.05 -0.81 14.31
CA GLU A 185 -20.72 0.03 15.32
C GLU A 185 -22.20 -0.38 15.43
N THR A 186 -22.87 -0.49 14.29
CA THR A 186 -24.28 -0.88 14.26
C THR A 186 -24.50 -2.32 14.80
N ASP A 187 -23.69 -3.26 14.37
CA ASP A 187 -23.97 -4.66 14.69
C ASP A 187 -23.45 -5.05 16.07
N PHE A 188 -22.45 -4.32 16.58
CA PHE A 188 -21.78 -4.77 17.81
C PHE A 188 -21.63 -3.67 18.86
N GLY A 189 -21.98 -2.44 18.48
CA GLY A 189 -21.85 -1.30 19.38
C GLY A 189 -20.43 -0.96 19.81
N VAL A 190 -19.43 -1.25 18.97
CA VAL A 190 -18.04 -0.94 19.28
C VAL A 190 -17.45 0.03 18.23
N ASN A 191 -16.37 0.71 18.58
CA ASN A 191 -15.55 1.35 17.57
C ASN A 191 -14.37 0.36 17.44
N THR A 192 -14.08 -0.20 16.28
CA THR A 192 -12.77 -0.88 16.13
C THR A 192 -11.90 0.14 15.39
N SER A 193 -10.70 0.45 15.91
CA SER A 193 -9.76 1.38 15.24
C SER A 193 -9.09 0.75 14.02
N THR A 194 -8.59 1.57 13.10
CA THR A 194 -7.93 1.05 11.89
C THR A 194 -6.68 0.21 12.29
N GLU A 195 -5.88 0.69 13.24
N GLU A 195 -5.94 0.72 13.26
CA GLU A 195 -4.73 -0.11 13.68
CA GLU A 195 -4.81 0.02 13.87
C GLU A 195 -5.17 -1.45 14.33
C GLU A 195 -5.19 -1.38 14.33
N GLN A 196 -6.28 -1.45 15.07
CA GLN A 196 -6.81 -2.69 15.62
C GLN A 196 -7.17 -3.68 14.52
N VAL A 197 -7.79 -3.18 13.44
CA VAL A 197 -8.14 -4.07 12.33
C VAL A 197 -6.90 -4.68 11.70
N MET A 198 -5.87 -3.86 11.46
CA MET A 198 -4.63 -4.35 10.87
C MET A 198 -3.98 -5.42 11.78
N HIS A 199 -3.99 -5.23 13.10
N HIS A 199 -4.02 -5.16 13.09
CA HIS A 199 -3.46 -6.25 13.98
CA HIS A 199 -3.58 -6.09 14.10
C HIS A 199 -4.25 -7.56 13.98
C HIS A 199 -4.24 -7.46 13.93
N LEU A 200 -5.57 -7.47 13.79
CA LEU A 200 -6.38 -8.66 13.67
C LEU A 200 -6.04 -9.45 12.37
N MET A 201 -5.55 -8.75 11.33
CA MET A 201 -5.19 -9.47 10.12
C MET A 201 -4.02 -10.42 10.35
N VAL A 202 -3.13 -10.01 11.25
CA VAL A 202 -1.87 -10.74 11.43
C VAL A 202 -2.03 -12.25 11.69
N PRO A 203 -2.78 -12.68 12.74
CA PRO A 203 -2.90 -14.14 12.94
C PRO A 203 -3.62 -14.84 11.80
N PHE A 204 -4.58 -14.12 11.20
CA PHE A 204 -5.38 -14.67 10.11
C PHE A 204 -4.41 -14.95 8.94
N PHE A 205 -3.60 -13.96 8.58
CA PHE A 205 -2.71 -14.08 7.43
C PHE A 205 -1.62 -15.13 7.73
N ALA A 206 -1.09 -15.12 8.95
CA ALA A 206 0.07 -16.00 9.25
C ALA A 206 -0.38 -17.44 9.10
N ALA A 207 -1.55 -17.75 9.63
CA ALA A 207 -2.09 -19.08 9.51
C ALA A 207 -2.45 -19.43 8.07
N GLY A 208 -3.01 -18.46 7.33
CA GLY A 208 -3.29 -18.75 5.95
C GLY A 208 -2.01 -19.08 5.18
N MET A 209 -0.93 -18.37 5.46
CA MET A 209 0.30 -18.55 4.73
C MET A 209 0.86 -19.96 5.01
N ARG A 210 0.54 -20.47 6.19
CA ARG A 210 1.12 -21.75 6.66
C ARG A 210 0.23 -22.94 6.31
N ALA A 211 -0.96 -22.71 5.72
CA ALA A 211 -1.89 -23.77 5.42
C ALA A 211 -1.31 -24.77 4.41
N GLU A 212 -1.80 -26.01 4.46
N GLU A 212 -1.81 -26.00 4.46
CA GLU A 212 -1.33 -27.03 3.53
CA GLU A 212 -1.36 -27.01 3.50
C GLU A 212 -1.65 -26.57 2.09
C GLU A 212 -1.63 -26.53 2.08
N SER A 213 -0.80 -26.97 1.12
CA SER A 213 -0.97 -26.54 -0.27
C SER A 213 -2.29 -27.02 -0.83
N GLY A 214 -2.95 -26.20 -1.65
CA GLY A 214 -4.13 -26.64 -2.36
C GLY A 214 -3.81 -27.12 -3.79
N ILE A 215 -2.54 -27.34 -4.10
CA ILE A 215 -2.15 -27.88 -5.41
C ILE A 215 -1.71 -29.32 -5.17
N ASP A 216 -2.42 -30.25 -5.79
CA ASP A 216 -2.32 -31.67 -5.44
C ASP A 216 -1.76 -32.51 -6.57
#